data_1T52
#
_entry.id   1T52
#
_entity_poly.entity_id   1
_entity_poly.type   'polypeptide(L)'
_entity_poly.pdbx_seq_one_letter_code
;ILGKIWKGIKSLF(NH2)
;
_entity_poly.pdbx_strand_id   A
#
# COMPACT_ATOMS: atom_id res chain seq x y z
N ILE A 1 -7.58 -2.71 -4.61
CA ILE A 1 -7.63 -2.96 -3.13
C ILE A 1 -6.42 -3.80 -2.70
N LEU A 2 -6.11 -4.83 -3.45
CA LEU A 2 -4.94 -5.67 -3.09
C LEU A 2 -3.64 -4.87 -3.19
N GLY A 3 -3.48 -4.11 -4.24
CA GLY A 3 -2.24 -3.31 -4.39
C GLY A 3 -2.37 -2.02 -3.57
N LYS A 4 -3.57 -1.51 -3.43
CA LYS A 4 -3.76 -0.26 -2.64
C LYS A 4 -3.23 -0.46 -1.21
N ILE A 5 -3.32 -1.65 -0.70
CA ILE A 5 -2.83 -1.91 0.69
C ILE A 5 -1.31 -2.04 0.67
N TRP A 6 -0.79 -2.94 -0.12
CA TRP A 6 0.68 -3.13 -0.18
C TRP A 6 1.37 -1.84 -0.67
N LYS A 7 0.70 -1.08 -1.49
CA LYS A 7 1.30 0.19 -2.00
C LYS A 7 0.97 1.34 -1.06
N GLY A 8 -0.14 1.27 -0.37
CA GLY A 8 -0.51 2.37 0.55
C GLY A 8 0.27 2.24 1.86
N ILE A 9 0.65 1.03 2.22
CA ILE A 9 1.42 0.84 3.47
C ILE A 9 2.91 1.05 3.22
N LYS A 10 3.41 0.58 2.12
CA LYS A 10 4.85 0.76 1.81
C LYS A 10 5.14 2.23 1.47
N SER A 11 4.15 2.95 1.04
CA SER A 11 4.37 4.38 0.70
C SER A 11 4.31 5.24 1.97
N LEU A 12 3.63 4.77 2.98
CA LEU A 12 3.53 5.55 4.24
C LEU A 12 4.75 5.28 5.13
N PHE A 13 5.42 4.18 4.91
CA PHE A 13 6.62 3.85 5.74
C PHE A 13 7.49 5.11 5.92
N ILE A 1 -6.61 -2.92 -6.33
CA ILE A 1 -7.33 -3.25 -5.07
C ILE A 1 -6.40 -4.00 -4.12
N LEU A 2 -6.03 -5.21 -4.46
CA LEU A 2 -5.12 -5.99 -3.57
C LEU A 2 -3.80 -5.26 -3.41
N GLY A 3 -3.33 -4.62 -4.44
CA GLY A 3 -2.04 -3.89 -4.34
C GLY A 3 -2.30 -2.48 -3.80
N LYS A 4 -3.51 -2.02 -3.87
CA LYS A 4 -3.83 -0.66 -3.36
C LYS A 4 -3.53 -0.59 -1.85
N ILE A 5 -3.73 -1.66 -1.15
CA ILE A 5 -3.45 -1.65 0.32
C ILE A 5 -1.95 -1.81 0.56
N TRP A 6 -1.36 -2.83 0.02
CA TRP A 6 0.10 -3.05 0.21
C TRP A 6 0.88 -1.84 -0.31
N LYS A 7 0.38 -1.18 -1.32
CA LYS A 7 1.09 0.00 -1.87
C LYS A 7 1.06 1.15 -0.86
N GLY A 8 0.03 1.22 -0.07
CA GLY A 8 -0.06 2.31 0.94
C GLY A 8 0.82 1.97 2.13
N ILE A 9 1.22 0.74 2.27
CA ILE A 9 2.09 0.34 3.41
C ILE A 9 3.51 0.85 3.18
N LYS A 10 4.18 0.32 2.19
CA LYS A 10 5.57 0.77 1.90
C LYS A 10 5.60 2.25 1.53
N SER A 11 4.46 2.82 1.26
CA SER A 11 4.42 4.27 0.88
C SER A 11 4.39 5.13 2.14
N LEU A 12 3.89 4.61 3.22
CA LEU A 12 3.83 5.41 4.49
C LEU A 12 5.17 5.30 5.24
N PHE A 13 5.91 4.25 5.01
CA PHE A 13 7.22 4.08 5.70
C PHE A 13 8.11 5.32 5.46
N ILE A 1 -6.38 -3.22 -6.79
CA ILE A 1 -7.13 -3.39 -5.52
C ILE A 1 -6.23 -3.99 -4.44
N LEU A 2 -5.66 -5.13 -4.70
CA LEU A 2 -4.76 -5.77 -3.69
C LEU A 2 -3.54 -4.89 -3.45
N GLY A 3 -2.95 -4.37 -4.49
CA GLY A 3 -1.75 -3.50 -4.32
C GLY A 3 -2.17 -2.17 -3.70
N LYS A 4 -3.41 -1.79 -3.87
CA LYS A 4 -3.89 -0.51 -3.29
C LYS A 4 -3.75 -0.53 -1.77
N ILE A 5 -4.00 -1.66 -1.16
CA ILE A 5 -3.87 -1.75 0.32
C ILE A 5 -2.39 -1.72 0.71
N TRP A 6 -1.63 -2.63 0.18
CA TRP A 6 -0.18 -2.67 0.50
C TRP A 6 0.49 -1.36 0.09
N LYS A 7 -0.11 -0.65 -0.83
CA LYS A 7 0.49 0.64 -1.29
C LYS A 7 0.37 1.69 -0.17
N GLY A 8 -0.61 1.56 0.68
CA GLY A 8 -0.78 2.55 1.79
C GLY A 8 0.32 2.32 2.82
N ILE A 9 0.76 1.10 2.98
CA ILE A 9 1.83 0.83 3.99
C ILE A 9 3.21 1.12 3.39
N LYS A 10 3.33 1.01 2.08
CA LYS A 10 4.64 1.27 1.43
C LYS A 10 4.89 2.78 1.35
N SER A 11 3.85 3.54 1.15
CA SER A 11 4.01 5.03 1.06
C SER A 11 4.21 5.63 2.45
N LEU A 12 3.62 5.03 3.45
CA LEU A 12 3.76 5.55 4.84
C LEU A 12 5.04 4.99 5.47
N PHE A 13 5.47 3.83 5.06
CA PHE A 13 6.70 3.23 5.64
C PHE A 13 7.92 4.08 5.27
N ILE A 1 -7.48 -3.52 -5.43
CA ILE A 1 -7.38 -3.77 -3.97
C ILE A 1 -6.14 -4.64 -3.67
N LEU A 2 -5.76 -5.46 -4.61
CA LEU A 2 -4.57 -6.34 -4.38
C LEU A 2 -3.27 -5.57 -4.66
N GLY A 3 -3.36 -4.27 -4.82
CA GLY A 3 -2.13 -3.47 -5.09
C GLY A 3 -2.22 -2.14 -4.36
N LYS A 4 -3.38 -1.54 -4.31
CA LYS A 4 -3.52 -0.24 -3.61
C LYS A 4 -3.54 -0.45 -2.10
N ILE A 5 -3.96 -1.61 -1.64
CA ILE A 5 -4.00 -1.87 -0.19
C ILE A 5 -2.58 -2.02 0.36
N TRP A 6 -1.78 -2.84 -0.26
CA TRP A 6 -0.38 -3.04 0.21
C TRP A 6 0.43 -1.76 -0.01
N LYS A 7 0.06 -0.96 -0.97
CA LYS A 7 0.80 0.30 -1.24
C LYS A 7 0.68 1.26 -0.06
N GLY A 8 -0.40 1.17 0.68
CA GLY A 8 -0.58 2.08 1.84
C GLY A 8 0.47 1.77 2.90
N ILE A 9 0.92 0.55 2.98
CA ILE A 9 1.95 0.19 3.99
C ILE A 9 3.32 0.72 3.56
N LYS A 10 3.63 0.64 2.30
CA LYS A 10 4.94 1.15 1.83
C LYS A 10 4.90 2.67 1.65
N SER A 11 3.74 3.21 1.39
CA SER A 11 3.62 4.68 1.21
C SER A 11 3.98 5.40 2.50
N LEU A 12 3.59 4.86 3.62
CA LEU A 12 3.91 5.52 4.92
C LEU A 12 5.29 5.08 5.39
N PHE A 13 5.85 4.06 4.81
CA PHE A 13 7.20 3.59 5.23
C PHE A 13 8.28 4.44 4.54
N ILE A 1 -8.66 -3.89 -5.07
CA ILE A 1 -8.05 -2.95 -4.06
C ILE A 1 -6.86 -3.61 -3.38
N LEU A 2 -6.35 -4.68 -3.94
CA LEU A 2 -5.18 -5.36 -3.32
C LEU A 2 -3.93 -4.49 -3.46
N GLY A 3 -3.66 -4.01 -4.64
CA GLY A 3 -2.46 -3.15 -4.84
C GLY A 3 -2.54 -1.93 -3.93
N LYS A 4 -3.72 -1.42 -3.72
CA LYS A 4 -3.86 -0.22 -2.83
C LYS A 4 -3.36 -0.55 -1.42
N ILE A 5 -3.45 -1.79 -1.02
CA ILE A 5 -2.97 -2.17 0.33
C ILE A 5 -1.45 -2.32 0.34
N TRP A 6 -0.94 -3.16 -0.53
CA TRP A 6 0.53 -3.36 -0.59
C TRP A 6 1.23 -2.04 -0.94
N LYS A 7 0.62 -1.24 -1.77
CA LYS A 7 1.26 0.06 -2.15
C LYS A 7 0.93 1.13 -1.10
N GLY A 8 -0.09 0.91 -0.31
CA GLY A 8 -0.47 1.91 0.72
C GLY A 8 0.38 1.69 1.97
N ILE A 9 0.80 0.48 2.21
CA ILE A 9 1.64 0.20 3.41
C ILE A 9 3.08 0.62 3.17
N LYS A 10 3.57 0.42 1.97
CA LYS A 10 4.98 0.80 1.67
C LYS A 10 5.06 2.29 1.31
N SER A 11 3.97 2.86 0.86
CA SER A 11 3.99 4.31 0.48
C SER A 11 4.07 5.17 1.74
N LEU A 12 3.40 4.78 2.79
CA LEU A 12 3.43 5.58 4.05
C LEU A 12 4.67 5.21 4.88
N PHE A 13 5.00 3.94 4.91
CA PHE A 13 6.19 3.51 5.71
C PHE A 13 7.46 3.66 4.87
N ILE A 1 -7.38 -3.02 -4.53
CA ILE A 1 -7.55 -4.19 -3.61
C ILE A 1 -6.20 -4.86 -3.37
N LEU A 2 -5.76 -5.67 -4.28
CA LEU A 2 -4.45 -6.37 -4.10
C LEU A 2 -3.30 -5.46 -4.57
N GLY A 3 -3.57 -4.19 -4.75
CA GLY A 3 -2.50 -3.26 -5.19
C GLY A 3 -2.61 -1.94 -4.43
N LYS A 4 -3.82 -1.50 -4.17
CA LYS A 4 -3.99 -0.23 -3.42
C LYS A 4 -3.77 -0.45 -1.92
N ILE A 5 -4.02 -1.65 -1.45
CA ILE A 5 -3.81 -1.92 0.00
C ILE A 5 -2.33 -1.94 0.34
N TRP A 6 -1.55 -2.68 -0.40
CA TRP A 6 -0.09 -2.74 -0.13
C TRP A 6 0.55 -1.37 -0.36
N LYS A 7 0.07 -0.64 -1.32
CA LYS A 7 0.63 0.71 -1.60
C LYS A 7 0.40 1.64 -0.41
N GLY A 8 -0.53 1.29 0.45
CA GLY A 8 -0.80 2.16 1.63
C GLY A 8 0.39 2.10 2.59
N ILE A 9 0.83 0.93 2.93
CA ILE A 9 1.98 0.80 3.85
C ILE A 9 3.27 1.28 3.17
N LYS A 10 3.31 1.24 1.87
CA LYS A 10 4.53 1.69 1.14
C LYS A 10 4.66 3.21 1.21
N SER A 11 3.55 3.91 1.31
CA SER A 11 3.61 5.39 1.38
C SER A 11 3.98 5.83 2.80
N LEU A 12 3.72 5.00 3.77
CA LEU A 12 4.06 5.38 5.19
C LEU A 12 5.52 5.04 5.48
N PHE A 13 6.07 4.09 4.79
CA PHE A 13 7.50 3.71 5.03
C PHE A 13 8.41 4.88 4.67
N ILE A 1 -8.17 -5.34 -3.73
CA ILE A 1 -7.50 -4.18 -3.06
C ILE A 1 -6.04 -4.52 -2.73
N LEU A 2 -5.36 -5.17 -3.63
CA LEU A 2 -3.94 -5.53 -3.36
C LEU A 2 -3.02 -4.36 -3.71
N GLY A 3 -2.96 -4.01 -4.97
CA GLY A 3 -2.08 -2.86 -5.37
C GLY A 3 -2.48 -1.62 -4.59
N LYS A 4 -3.68 -1.57 -4.09
CA LYS A 4 -4.13 -0.38 -3.32
C LYS A 4 -3.71 -0.50 -1.85
N ILE A 5 -3.70 -1.69 -1.32
CA ILE A 5 -3.29 -1.86 0.10
C ILE A 5 -1.77 -1.93 0.22
N TRP A 6 -1.15 -2.82 -0.50
CA TRP A 6 0.33 -2.94 -0.43
C TRP A 6 0.99 -1.64 -0.90
N LYS A 7 0.29 -0.82 -1.63
CA LYS A 7 0.88 0.45 -2.11
C LYS A 7 0.73 1.55 -1.04
N GLY A 8 -0.24 1.41 -0.18
CA GLY A 8 -0.44 2.44 0.87
C GLY A 8 0.48 2.14 2.06
N ILE A 9 0.77 0.89 2.29
CA ILE A 9 1.66 0.54 3.44
C ILE A 9 3.13 0.75 3.05
N LYS A 10 3.47 0.44 1.82
CA LYS A 10 4.88 0.62 1.37
C LYS A 10 5.19 2.11 1.18
N SER A 11 4.18 2.91 0.96
CA SER A 11 4.41 4.36 0.77
C SER A 11 4.62 5.05 2.12
N LEU A 12 4.06 4.51 3.17
CA LEU A 12 4.23 5.13 4.51
C LEU A 12 5.53 4.67 5.15
N PHE A 13 6.09 3.59 4.68
CA PHE A 13 7.36 3.08 5.26
C PHE A 13 8.55 3.90 4.75
N ILE A 1 -8.21 -3.88 -5.64
CA ILE A 1 -8.21 -3.25 -4.29
C ILE A 1 -7.00 -3.74 -3.47
N LEU A 2 -6.47 -4.89 -3.82
CA LEU A 2 -5.30 -5.41 -3.06
C LEU A 2 -4.06 -4.55 -3.34
N GLY A 3 -3.78 -4.30 -4.58
CA GLY A 3 -2.58 -3.47 -4.92
C GLY A 3 -2.69 -2.11 -4.22
N LYS A 4 -3.88 -1.72 -3.85
CA LYS A 4 -4.05 -0.41 -3.16
C LYS A 4 -3.57 -0.52 -1.71
N ILE A 5 -3.70 -1.67 -1.12
CA ILE A 5 -3.25 -1.84 0.29
C ILE A 5 -1.73 -1.97 0.34
N TRP A 6 -1.18 -2.84 -0.46
CA TRP A 6 0.30 -3.03 -0.47
C TRP A 6 0.99 -1.72 -0.87
N LYS A 7 0.41 -0.99 -1.78
CA LYS A 7 1.02 0.30 -2.22
C LYS A 7 0.92 1.34 -1.10
N GLY A 8 -0.10 1.22 -0.27
CA GLY A 8 -0.26 2.21 0.84
C GLY A 8 0.73 1.88 1.96
N ILE A 9 1.14 0.64 2.05
CA ILE A 9 2.11 0.26 3.12
C ILE A 9 3.47 0.89 2.85
N LYS A 10 3.96 0.75 1.65
CA LYS A 10 5.29 1.35 1.31
C LYS A 10 5.20 2.88 1.33
N SER A 11 4.03 3.42 1.16
CA SER A 11 3.88 4.90 1.17
C SER A 11 3.83 5.41 2.62
N LEU A 12 3.47 4.57 3.54
CA LEU A 12 3.39 5.00 4.97
C LEU A 12 4.77 4.88 5.62
N PHE A 13 5.58 3.96 5.17
CA PHE A 13 6.94 3.80 5.77
C PHE A 13 7.65 5.15 5.84
N ILE A 1 -7.82 -2.13 -5.06
CA ILE A 1 -7.67 -3.61 -5.04
C ILE A 1 -6.66 -4.02 -3.96
N LEU A 2 -6.13 -5.21 -4.06
CA LEU A 2 -5.14 -5.67 -3.04
C LEU A 2 -3.86 -4.84 -3.15
N GLY A 3 -3.34 -4.69 -4.34
CA GLY A 3 -2.10 -3.90 -4.52
C GLY A 3 -2.27 -2.52 -3.87
N LYS A 4 -3.44 -1.95 -4.00
CA LYS A 4 -3.68 -0.61 -3.39
C LYS A 4 -3.45 -0.68 -1.88
N ILE A 5 -3.70 -1.81 -1.28
CA ILE A 5 -3.50 -1.95 0.19
C ILE A 5 -2.00 -2.04 0.49
N TRP A 6 -1.33 -2.98 -0.09
CA TRP A 6 0.13 -3.13 0.15
C TRP A 6 0.88 -1.87 -0.27
N LYS A 7 0.40 -1.20 -1.27
CA LYS A 7 1.08 0.05 -1.74
C LYS A 7 0.91 1.15 -0.69
N GLY A 8 -0.13 1.09 0.08
CA GLY A 8 -0.35 2.14 1.13
C GLY A 8 0.65 1.95 2.26
N ILE A 9 1.16 0.76 2.42
CA ILE A 9 2.15 0.51 3.52
C ILE A 9 3.52 1.04 3.11
N LYS A 10 3.87 0.93 1.86
CA LYS A 10 5.21 1.43 1.41
C LYS A 10 5.18 2.96 1.29
N SER A 11 4.01 3.54 1.25
CA SER A 11 3.91 5.02 1.14
C SER A 11 4.17 5.67 2.50
N LEU A 12 3.54 5.17 3.52
CA LEU A 12 3.75 5.75 4.88
C LEU A 12 4.99 5.13 5.54
N PHE A 13 5.37 3.97 5.11
CA PHE A 13 6.56 3.31 5.71
C PHE A 13 7.84 3.82 5.05
N ILE A 1 -7.24 -3.06 -6.46
CA ILE A 1 -7.71 -3.04 -5.05
C ILE A 1 -6.63 -3.64 -4.13
N LEU A 2 -6.18 -4.83 -4.42
CA LEU A 2 -5.14 -5.46 -3.57
C LEU A 2 -3.83 -4.67 -3.66
N GLY A 3 -3.42 -4.32 -4.86
CA GLY A 3 -2.15 -3.55 -5.02
C GLY A 3 -2.27 -2.22 -4.26
N LYS A 4 -3.46 -1.69 -4.17
CA LYS A 4 -3.63 -0.40 -3.44
C LYS A 4 -3.24 -0.56 -1.97
N ILE A 5 -3.48 -1.71 -1.41
CA ILE A 5 -3.11 -1.94 0.02
C ILE A 5 -1.60 -2.07 0.15
N TRP A 6 -1.01 -2.98 -0.58
CA TRP A 6 0.46 -3.17 -0.52
C TRP A 6 1.18 -1.88 -0.91
N LYS A 7 0.56 -1.07 -1.74
CA LYS A 7 1.20 0.20 -2.16
C LYS A 7 0.89 1.31 -1.16
N GLY A 8 -0.15 1.15 -0.38
CA GLY A 8 -0.51 2.19 0.61
C GLY A 8 0.31 1.98 1.90
N ILE A 9 0.57 0.75 2.23
CA ILE A 9 1.37 0.48 3.47
C ILE A 9 2.85 0.80 3.22
N LYS A 10 3.30 0.66 2.00
CA LYS A 10 4.73 0.94 1.70
C LYS A 10 4.92 2.44 1.42
N SER A 11 3.90 3.10 0.97
CA SER A 11 4.02 4.56 0.68
C SER A 11 4.19 5.35 1.98
N LEU A 12 3.52 4.94 3.03
CA LEU A 12 3.63 5.65 4.32
C LEU A 12 4.85 5.14 5.11
N PHE A 13 5.09 3.86 5.08
CA PHE A 13 6.25 3.31 5.83
C PHE A 13 7.56 3.81 5.20
N ILE A 1 -9.06 -4.11 -4.15
CA ILE A 1 -8.31 -3.02 -3.47
C ILE A 1 -7.09 -3.59 -2.74
N LEU A 2 -6.65 -4.76 -3.13
CA LEU A 2 -5.46 -5.37 -2.46
C LEU A 2 -4.20 -4.59 -2.81
N GLY A 3 -3.97 -4.35 -4.08
CA GLY A 3 -2.76 -3.59 -4.48
C GLY A 3 -2.73 -2.25 -3.74
N LYS A 4 -3.87 -1.74 -3.37
CA LYS A 4 -3.90 -0.44 -2.64
C LYS A 4 -3.28 -0.61 -1.24
N ILE A 5 -3.51 -1.73 -0.62
CA ILE A 5 -2.93 -1.97 0.74
C ILE A 5 -1.42 -2.11 0.64
N TRP A 6 -0.96 -2.99 -0.21
CA TRP A 6 0.51 -3.19 -0.36
C TRP A 6 1.17 -1.89 -0.82
N LYS A 7 0.51 -1.16 -1.68
CA LYS A 7 1.10 0.11 -2.17
C LYS A 7 0.90 1.22 -1.13
N GLY A 8 -0.11 1.10 -0.31
CA GLY A 8 -0.36 2.14 0.73
C GLY A 8 0.61 1.94 1.90
N ILE A 9 1.02 0.72 2.14
CA ILE A 9 1.97 0.46 3.26
C ILE A 9 3.36 0.98 2.91
N LYS A 10 3.77 0.83 1.67
CA LYS A 10 5.11 1.32 1.27
C LYS A 10 5.13 2.85 1.25
N SER A 11 3.98 3.47 1.12
CA SER A 11 3.94 4.96 1.11
C SER A 11 4.08 5.50 2.54
N LEU A 12 3.80 4.69 3.52
CA LEU A 12 3.92 5.15 4.93
C LEU A 12 5.38 5.09 5.39
N PHE A 13 6.10 4.09 4.97
CA PHE A 13 7.54 3.99 5.38
C PHE A 13 8.41 4.82 4.45
N ILE A 1 -7.69 -2.27 -5.22
CA ILE A 1 -8.18 -3.09 -4.08
C ILE A 1 -7.02 -3.82 -3.41
N LEU A 2 -6.37 -4.70 -4.13
CA LEU A 2 -5.22 -5.45 -3.54
C LEU A 2 -3.94 -4.61 -3.63
N GLY A 3 -3.50 -4.32 -4.83
CA GLY A 3 -2.26 -3.51 -4.99
C GLY A 3 -2.43 -2.18 -4.25
N LYS A 4 -3.62 -1.66 -4.21
CA LYS A 4 -3.84 -0.37 -3.49
C LYS A 4 -3.59 -0.55 -2.00
N ILE A 5 -3.87 -1.70 -1.48
CA ILE A 5 -3.64 -1.94 -0.02
C ILE A 5 -2.15 -2.08 0.27
N TRP A 6 -1.50 -2.96 -0.43
CA TRP A 6 -0.04 -3.16 -0.21
C TRP A 6 0.71 -1.84 -0.43
N LYS A 7 0.17 -0.98 -1.23
CA LYS A 7 0.84 0.33 -1.49
C LYS A 7 0.66 1.26 -0.29
N GLY A 8 -0.38 1.06 0.48
CA GLY A 8 -0.59 1.93 1.67
C GLY A 8 0.49 1.65 2.72
N ILE A 9 0.96 0.44 2.77
CA ILE A 9 2.01 0.10 3.77
C ILE A 9 3.35 0.68 3.34
N LYS A 10 3.68 0.57 2.09
CA LYS A 10 4.98 1.14 1.60
C LYS A 10 4.90 2.66 1.53
N SER A 11 3.72 3.19 1.27
CA SER A 11 3.58 4.68 1.20
C SER A 11 3.60 5.28 2.61
N LEU A 12 3.30 4.48 3.60
CA LEU A 12 3.30 5.01 5.00
C LEU A 12 4.74 5.05 5.54
N PHE A 13 5.62 4.28 4.97
CA PHE A 13 7.04 4.27 5.44
C PHE A 13 7.50 5.70 5.74
N ILE A 1 -7.09 -2.68 -4.53
CA ILE A 1 -7.37 -3.61 -3.40
C ILE A 1 -6.23 -4.61 -3.24
N LEU A 2 -6.04 -5.48 -4.18
CA LEU A 2 -4.93 -6.47 -4.08
C LEU A 2 -3.60 -5.83 -4.47
N GLY A 3 -3.59 -4.55 -4.71
CA GLY A 3 -2.33 -3.86 -5.10
C GLY A 3 -2.29 -2.47 -4.48
N LYS A 4 -3.40 -1.79 -4.46
CA LYS A 4 -3.43 -0.42 -3.86
C LYS A 4 -3.34 -0.51 -2.33
N ILE A 5 -3.78 -1.59 -1.76
CA ILE A 5 -3.73 -1.74 -0.28
C ILE A 5 -2.27 -1.88 0.17
N TRP A 6 -1.55 -2.79 -0.42
CA TRP A 6 -0.13 -2.98 -0.04
C TRP A 6 0.65 -1.68 -0.24
N LYS A 7 0.19 -0.82 -1.11
CA LYS A 7 0.89 0.46 -1.36
C LYS A 7 0.81 1.36 -0.12
N GLY A 8 -0.33 1.40 0.51
CA GLY A 8 -0.47 2.26 1.72
C GLY A 8 0.61 1.89 2.75
N ILE A 9 1.08 0.67 2.71
CA ILE A 9 2.14 0.27 3.68
C ILE A 9 3.50 0.84 3.28
N LYS A 10 3.89 0.64 2.06
CA LYS A 10 5.21 1.18 1.60
C LYS A 10 5.11 2.69 1.38
N SER A 11 3.92 3.19 1.18
CA SER A 11 3.77 4.67 0.96
C SER A 11 3.96 5.42 2.27
N LEU A 12 3.74 4.77 3.39
CA LEU A 12 3.92 5.46 4.69
C LEU A 12 5.38 5.40 5.13
N PHE A 13 6.07 4.34 4.80
CA PHE A 13 7.50 4.21 5.19
C PHE A 13 8.28 5.44 4.72
N ILE A 1 -7.81 -2.18 -5.35
CA ILE A 1 -8.06 -3.54 -4.81
C ILE A 1 -6.92 -3.95 -3.86
N LEU A 2 -6.44 -5.15 -3.96
CA LEU A 2 -5.34 -5.59 -3.06
C LEU A 2 -4.08 -4.77 -3.31
N GLY A 3 -3.72 -4.60 -4.56
CA GLY A 3 -2.51 -3.79 -4.88
C GLY A 3 -2.58 -2.45 -4.17
N LYS A 4 -3.74 -1.85 -4.13
CA LYS A 4 -3.87 -0.53 -3.44
C LYS A 4 -3.47 -0.66 -1.97
N ILE A 5 -3.69 -1.81 -1.40
CA ILE A 5 -3.32 -2.00 0.04
C ILE A 5 -1.80 -2.11 0.18
N TRP A 6 -1.19 -3.00 -0.56
CA TRP A 6 0.29 -3.17 -0.47
C TRP A 6 0.99 -1.86 -0.86
N LYS A 7 0.40 -1.11 -1.75
CA LYS A 7 1.04 0.17 -2.17
C LYS A 7 0.85 1.24 -1.09
N GLY A 8 -0.12 1.05 -0.23
CA GLY A 8 -0.35 2.05 0.85
C GLY A 8 0.63 1.81 2.00
N ILE A 9 1.03 0.57 2.20
CA ILE A 9 1.98 0.27 3.31
C ILE A 9 3.38 0.78 2.97
N LYS A 10 3.74 0.74 1.71
CA LYS A 10 5.10 1.22 1.32
C LYS A 10 5.12 2.76 1.29
N SER A 11 3.99 3.38 1.13
CA SER A 11 3.97 4.87 1.10
C SER A 11 4.09 5.43 2.52
N LEU A 12 3.74 4.66 3.51
CA LEU A 12 3.85 5.15 4.91
C LEU A 12 5.27 4.95 5.44
N PHE A 13 5.98 3.99 4.90
CA PHE A 13 7.37 3.74 5.37
C PHE A 13 8.33 4.73 4.73
N ILE A 1 -8.28 -2.91 -4.37
CA ILE A 1 -7.69 -4.26 -4.49
C ILE A 1 -6.58 -4.45 -3.44
N LEU A 2 -5.98 -5.61 -3.38
CA LEU A 2 -4.90 -5.85 -2.39
C LEU A 2 -3.69 -4.96 -2.71
N GLY A 3 -3.30 -4.90 -3.96
CA GLY A 3 -2.14 -4.05 -4.33
C GLY A 3 -2.37 -2.63 -3.83
N LYS A 4 -3.59 -2.15 -3.93
CA LYS A 4 -3.88 -0.76 -3.46
C LYS A 4 -3.53 -0.63 -1.99
N ILE A 5 -3.64 -1.70 -1.24
CA ILE A 5 -3.32 -1.65 0.22
C ILE A 5 -1.80 -1.58 0.39
N TRP A 6 -1.09 -2.53 -0.16
CA TRP A 6 0.39 -2.54 -0.02
C TRP A 6 0.98 -1.23 -0.57
N LYS A 7 0.27 -0.57 -1.44
CA LYS A 7 0.78 0.70 -2.02
C LYS A 7 0.73 1.81 -0.96
N GLY A 8 -0.25 1.77 -0.10
CA GLY A 8 -0.36 2.82 0.96
C GLY A 8 0.51 2.43 2.15
N ILE A 9 0.74 1.15 2.34
CA ILE A 9 1.58 0.71 3.48
C ILE A 9 3.07 0.88 3.16
N LYS A 10 3.42 0.86 1.89
CA LYS A 10 4.85 1.02 1.51
C LYS A 10 5.20 2.51 1.41
N SER A 11 4.22 3.34 1.20
CA SER A 11 4.51 4.81 1.11
C SER A 11 4.67 5.42 2.50
N LEU A 12 4.05 4.83 3.48
CA LEU A 12 4.16 5.37 4.87
C LEU A 12 5.43 4.84 5.54
N PHE A 13 5.88 3.68 5.15
CA PHE A 13 7.11 3.10 5.76
C PHE A 13 8.22 4.15 5.79
N ILE A 1 -8.75 -4.03 -5.01
CA ILE A 1 -8.51 -3.21 -3.78
C ILE A 1 -7.35 -3.80 -2.98
N LEU A 2 -6.82 -4.91 -3.40
CA LEU A 2 -5.68 -5.52 -2.66
C LEU A 2 -4.40 -4.72 -2.91
N GLY A 3 -4.04 -4.54 -4.16
CA GLY A 3 -2.81 -3.77 -4.46
C GLY A 3 -2.90 -2.39 -3.81
N LYS A 4 -4.08 -1.85 -3.70
CA LYS A 4 -4.23 -0.51 -3.07
C LYS A 4 -3.77 -0.57 -1.61
N ILE A 5 -3.96 -1.69 -0.96
CA ILE A 5 -3.53 -1.81 0.45
C ILE A 5 -2.01 -1.90 0.53
N TRP A 6 -1.43 -2.80 -0.21
CA TRP A 6 0.05 -2.96 -0.20
C TRP A 6 0.72 -1.65 -0.66
N LYS A 7 0.15 -1.01 -1.64
CA LYS A 7 0.74 0.27 -2.13
C LYS A 7 0.60 1.36 -1.08
N GLY A 8 -0.40 1.25 -0.24
CA GLY A 8 -0.60 2.28 0.82
C GLY A 8 0.43 2.09 1.92
N ILE A 9 0.86 0.88 2.14
CA ILE A 9 1.88 0.62 3.20
C ILE A 9 3.20 1.27 2.83
N LYS A 10 3.58 1.20 1.59
CA LYS A 10 4.86 1.82 1.15
C LYS A 10 4.77 3.34 1.24
N SER A 11 3.58 3.86 1.20
CA SER A 11 3.40 5.35 1.28
C SER A 11 3.54 5.81 2.74
N LEU A 12 3.31 4.93 3.67
CA LEU A 12 3.42 5.31 5.11
C LEU A 12 4.89 5.35 5.53
N PHE A 13 5.72 4.58 4.88
CA PHE A 13 7.16 4.57 5.24
C PHE A 13 7.76 5.97 5.09
N ILE A 1 -7.50 -2.85 -4.18
CA ILE A 1 -7.53 -3.59 -2.88
C ILE A 1 -6.34 -4.55 -2.79
N LEU A 2 -6.20 -5.43 -3.74
CA LEU A 2 -5.06 -6.39 -3.71
C LEU A 2 -3.77 -5.70 -4.12
N GLY A 3 -3.82 -4.42 -4.38
CA GLY A 3 -2.59 -3.68 -4.78
C GLY A 3 -2.56 -2.32 -4.10
N LYS A 4 -3.70 -1.68 -3.99
CA LYS A 4 -3.75 -0.34 -3.33
C LYS A 4 -3.38 -0.47 -1.84
N ILE A 5 -3.67 -1.59 -1.25
CA ILE A 5 -3.33 -1.77 0.20
C ILE A 5 -1.82 -1.91 0.38
N TRP A 6 -1.21 -2.80 -0.35
CA TRP A 6 0.25 -2.99 -0.24
C TRP A 6 0.98 -1.71 -0.63
N LYS A 7 0.51 -1.04 -1.63
CA LYS A 7 1.17 0.23 -2.07
C LYS A 7 1.07 1.28 -0.97
N GLY A 8 0.06 1.20 -0.15
CA GLY A 8 -0.11 2.20 0.94
C GLY A 8 0.86 1.86 2.08
N ILE A 9 1.41 0.68 2.09
CA ILE A 9 2.36 0.30 3.16
C ILE A 9 3.76 0.84 2.86
N LYS A 10 4.09 0.96 1.59
CA LYS A 10 5.43 1.48 1.23
C LYS A 10 5.44 3.01 1.26
N SER A 11 4.29 3.61 1.21
CA SER A 11 4.23 5.10 1.25
C SER A 11 4.26 5.59 2.70
N LEU A 12 3.83 4.77 3.63
CA LEU A 12 3.84 5.20 5.06
C LEU A 12 5.23 4.95 5.67
N PHE A 13 5.97 4.01 5.13
CA PHE A 13 7.32 3.73 5.67
C PHE A 13 8.31 4.80 5.21
N ILE A 1 -8.52 -3.79 -5.29
CA ILE A 1 -7.94 -2.78 -4.37
C ILE A 1 -6.75 -3.37 -3.61
N LEU A 2 -6.31 -4.54 -4.00
CA LEU A 2 -5.16 -5.17 -3.29
C LEU A 2 -3.90 -4.33 -3.49
N GLY A 3 -3.66 -3.90 -4.70
CA GLY A 3 -2.43 -3.07 -4.96
C GLY A 3 -2.44 -1.86 -4.02
N LYS A 4 -3.59 -1.28 -3.79
CA LYS A 4 -3.65 -0.10 -2.88
C LYS A 4 -3.13 -0.48 -1.48
N ILE A 5 -3.29 -1.72 -1.11
CA ILE A 5 -2.79 -2.16 0.23
C ILE A 5 -1.28 -2.35 0.20
N TRP A 6 -0.80 -3.18 -0.67
CA TRP A 6 0.67 -3.42 -0.75
C TRP A 6 1.39 -2.11 -1.09
N LYS A 7 0.80 -1.30 -1.92
CA LYS A 7 1.44 -0.01 -2.30
C LYS A 7 1.09 1.07 -1.28
N GLY A 8 0.00 0.90 -0.58
CA GLY A 8 -0.40 1.93 0.43
C GLY A 8 0.42 1.74 1.71
N ILE A 9 0.87 0.53 1.96
CA ILE A 9 1.68 0.29 3.19
C ILE A 9 3.13 0.70 2.96
N LYS A 10 3.67 0.39 1.82
CA LYS A 10 5.07 0.76 1.52
C LYS A 10 5.19 2.26 1.24
N SER A 11 4.09 2.89 0.90
CA SER A 11 4.12 4.35 0.61
C SER A 11 4.08 5.14 1.92
N LEU A 12 3.51 4.57 2.95
CA LEU A 12 3.44 5.29 4.25
C LEU A 12 4.78 5.19 4.99
N PHE A 13 5.55 4.17 4.69
CA PHE A 13 6.86 4.01 5.37
C PHE A 13 7.85 5.07 4.86
N ILE A 1 -8.26 -3.76 -5.14
CA ILE A 1 -8.30 -3.35 -3.70
C ILE A 1 -7.07 -3.88 -2.97
N LEU A 2 -6.48 -4.93 -3.45
CA LEU A 2 -5.28 -5.49 -2.78
C LEU A 2 -4.06 -4.60 -3.07
N GLY A 3 -3.75 -4.40 -4.32
CA GLY A 3 -2.59 -3.55 -4.67
C GLY A 3 -2.71 -2.22 -3.92
N LYS A 4 -3.91 -1.71 -3.78
CA LYS A 4 -4.09 -0.41 -3.07
C LYS A 4 -3.58 -0.53 -1.63
N ILE A 5 -3.71 -1.69 -1.04
CA ILE A 5 -3.23 -1.88 0.36
C ILE A 5 -1.70 -1.90 0.41
N TRP A 6 -1.11 -2.75 -0.38
CA TRP A 6 0.39 -2.84 -0.41
C TRP A 6 0.98 -1.48 -0.80
N LYS A 7 0.27 -0.70 -1.56
CA LYS A 7 0.81 0.63 -1.97
C LYS A 7 0.55 1.66 -0.87
N GLY A 8 -0.39 1.39 0.00
CA GLY A 8 -0.68 2.35 1.10
C GLY A 8 0.27 2.10 2.27
N ILE A 9 0.69 0.88 2.46
CA ILE A 9 1.62 0.57 3.58
C ILE A 9 3.03 1.07 3.25
N LYS A 10 3.44 0.92 2.01
CA LYS A 10 4.81 1.37 1.63
C LYS A 10 4.85 2.89 1.56
N SER A 11 3.73 3.53 1.36
CA SER A 11 3.71 5.01 1.29
C SER A 11 3.83 5.62 2.69
N LEU A 12 3.49 4.85 3.69
CA LEU A 12 3.58 5.37 5.09
C LEU A 12 5.00 5.19 5.63
N PHE A 13 5.74 4.26 5.11
CA PHE A 13 7.13 4.04 5.59
C PHE A 13 7.92 5.35 5.55
N ILE A 1 -7.10 -2.84 -6.38
CA ILE A 1 -7.77 -3.35 -5.15
C ILE A 1 -6.73 -3.86 -4.15
N LEU A 2 -6.11 -4.97 -4.45
CA LEU A 2 -5.08 -5.52 -3.52
C LEU A 2 -3.82 -4.65 -3.54
N GLY A 3 -3.30 -4.39 -4.70
CA GLY A 3 -2.08 -3.54 -4.80
C GLY A 3 -2.33 -2.20 -4.12
N LYS A 4 -3.56 -1.77 -4.07
CA LYS A 4 -3.87 -0.47 -3.43
C LYS A 4 -3.64 -0.57 -1.92
N ILE A 5 -3.92 -1.70 -1.34
CA ILE A 5 -3.71 -1.87 0.13
C ILE A 5 -2.23 -1.99 0.44
N TRP A 6 -1.54 -2.87 -0.23
CA TRP A 6 -0.09 -3.04 0.02
C TRP A 6 0.65 -1.72 -0.25
N LYS A 7 0.16 -0.94 -1.15
CA LYS A 7 0.83 0.36 -1.46
C LYS A 7 0.72 1.31 -0.26
N GLY A 8 -0.32 1.16 0.52
CA GLY A 8 -0.48 2.05 1.71
C GLY A 8 0.61 1.73 2.74
N ILE A 9 1.12 0.52 2.72
CA ILE A 9 2.19 0.16 3.69
C ILE A 9 3.52 0.80 3.30
N LYS A 10 4.03 0.45 2.15
CA LYS A 10 5.32 1.04 1.70
C LYS A 10 5.16 2.53 1.41
N SER A 11 3.94 3.01 1.41
CA SER A 11 3.72 4.46 1.13
C SER A 11 4.00 5.29 2.38
N LEU A 12 3.71 4.74 3.54
CA LEU A 12 3.95 5.50 4.79
C LEU A 12 5.40 5.32 5.25
N PHE A 13 6.04 4.27 4.82
CA PHE A 13 7.46 4.04 5.22
C PHE A 13 8.27 5.34 5.09
#